data_3VK0
#
_entry.id   3VK0
#
_cell.length_a   75.013
_cell.length_b   108.899
_cell.length_c   44.083
_cell.angle_alpha   90.00
_cell.angle_beta   115.61
_cell.angle_gamma   90.00
#
_symmetry.space_group_name_H-M   'C 1 2 1'
#
loop_
_entity.id
_entity.type
_entity.pdbx_description
1 polymer 'Transcriptional regulator'
2 water water
#
_entity_poly.entity_id   1
_entity_poly.type   'polypeptide(L)'
_entity_poly.pdbx_seq_one_letter_code
;MMGNKLTLPAELPDEQDLRAVLAYNMRLFRVNKGWSQEELARQCGLDRTYVSAVERKRWNIALSNIEKMAAALGVAAYQL
LLPPQERLKLMTNSADTRQMPSESGILEHHHHHH
;
_entity_poly.pdbx_strand_id   A,B,C
#
# COMPACT_ATOMS: atom_id res chain seq x y z
N LYS A 5 10.55 5.74 12.43
CA LYS A 5 11.61 6.72 11.98
C LYS A 5 12.56 6.13 10.91
N LEU A 6 12.46 4.81 10.70
CA LEU A 6 13.33 4.04 9.76
C LEU A 6 13.05 4.37 8.29
N THR A 7 14.06 4.81 7.56
CA THR A 7 13.77 5.35 6.26
C THR A 7 14.06 4.31 5.20
N LEU A 8 13.33 4.45 4.08
CA LEU A 8 13.39 3.55 2.94
C LEU A 8 14.39 4.08 1.94
N PRO A 9 14.71 3.29 0.91
CA PRO A 9 15.63 3.80 -0.12
C PRO A 9 15.03 4.98 -0.89
N ALA A 10 15.87 5.96 -1.23
CA ALA A 10 15.43 7.23 -1.82
C ALA A 10 15.13 7.08 -3.29
N GLU A 11 15.84 6.17 -3.94
CA GLU A 11 15.74 6.04 -5.40
C GLU A 11 15.72 4.59 -5.84
N LEU A 12 15.14 4.33 -7.01
CA LEU A 12 15.21 2.99 -7.58
C LEU A 12 16.65 2.66 -8.05
N PRO A 13 17.06 1.41 -7.88
CA PRO A 13 18.46 1.07 -8.21
C PRO A 13 18.60 0.77 -9.71
N ASP A 14 19.81 0.93 -10.28
CA ASP A 14 20.11 0.40 -11.61
C ASP A 14 19.98 -1.13 -11.54
N GLU A 15 19.13 -1.72 -12.39
CA GLU A 15 18.78 -3.14 -12.29
C GLU A 15 19.95 -4.04 -12.60
N GLN A 16 20.87 -3.48 -13.36
CA GLN A 16 22.14 -4.13 -13.69
C GLN A 16 23.16 -4.11 -12.52
N ASP A 17 23.10 -3.04 -11.71
CA ASP A 17 24.02 -2.87 -10.52
C ASP A 17 23.58 -3.76 -9.38
N LEU A 18 24.10 -5.00 -9.31
CA LEU A 18 23.60 -5.95 -8.34
C LEU A 18 23.82 -5.50 -6.94
N ARG A 19 24.97 -4.86 -6.68
CA ARG A 19 25.10 -4.26 -5.36
C ARG A 19 23.99 -3.25 -5.03
N ALA A 20 23.63 -2.38 -5.96
CA ALA A 20 22.56 -1.37 -5.77
C ALA A 20 21.20 -2.07 -5.54
N VAL A 21 20.94 -3.11 -6.34
CA VAL A 21 19.71 -3.90 -6.19
C VAL A 21 19.66 -4.55 -4.81
N LEU A 22 20.76 -5.21 -4.38
CA LEU A 22 20.81 -5.80 -3.04
C LEU A 22 20.58 -4.77 -1.95
N ALA A 23 21.25 -3.61 -2.08
CA ALA A 23 21.18 -2.62 -1.01
C ALA A 23 19.72 -2.11 -0.85
N TYR A 24 19.03 -1.93 -1.99
CA TYR A 24 17.63 -1.44 -2.03
C TYR A 24 16.76 -2.46 -1.30
N ASN A 25 16.90 -3.71 -1.71
CA ASN A 25 16.09 -4.78 -1.17
C ASN A 25 16.34 -5.04 0.29
N MET A 26 17.62 -5.09 0.72
CA MET A 26 17.93 -5.27 2.13
C MET A 26 17.22 -4.20 2.97
N ARG A 27 17.28 -2.95 2.51
CA ARG A 27 16.75 -1.83 3.28
C ARG A 27 15.22 -1.94 3.26
N LEU A 28 14.63 -2.16 2.09
CA LEU A 28 13.15 -2.34 2.02
C LEU A 28 12.62 -3.44 2.99
N PHE A 29 13.21 -4.61 2.89
CA PHE A 29 12.78 -5.73 3.77
C PHE A 29 13.07 -5.54 5.23
N ARG A 30 14.24 -4.98 5.57
CA ARG A 30 14.49 -4.78 6.97
C ARG A 30 13.56 -3.72 7.51
N VAL A 31 13.32 -2.66 6.74
CA VAL A 31 12.39 -1.62 7.23
C VAL A 31 10.97 -2.19 7.43
N ASN A 32 10.57 -3.08 6.56
CA ASN A 32 9.27 -3.74 6.72
C ASN A 32 9.20 -4.54 8.02
N LYS A 33 10.35 -5.05 8.45
CA LYS A 33 10.39 -5.76 9.71
C LYS A 33 10.59 -4.88 10.96
N GLY A 34 10.70 -3.57 10.82
CA GLY A 34 10.98 -2.69 11.97
C GLY A 34 12.43 -2.75 12.42
N TRP A 35 13.34 -3.13 11.50
CA TRP A 35 14.75 -3.31 11.87
C TRP A 35 15.67 -2.23 11.34
N SER A 36 16.47 -1.65 12.25
CA SER A 36 17.62 -0.86 11.84
C SER A 36 18.70 -1.71 11.11
N GLN A 37 19.69 -1.05 10.55
CA GLN A 37 20.86 -1.74 10.01
C GLN A 37 21.54 -2.57 11.09
N GLU A 38 21.71 -1.95 12.24
CA GLU A 38 22.37 -2.60 13.34
C GLU A 38 21.62 -3.89 13.73
N GLU A 39 20.29 -3.80 13.87
CA GLU A 39 19.43 -4.94 14.17
C GLU A 39 19.53 -6.07 13.11
N LEU A 40 19.47 -5.71 11.82
CA LEU A 40 19.65 -6.71 10.77
C LEU A 40 21.00 -7.41 10.95
N ALA A 41 22.04 -6.65 11.26
CA ALA A 41 23.35 -7.22 11.42
C ALA A 41 23.35 -8.21 12.58
N ARG A 42 22.83 -7.78 13.73
CA ARG A 42 22.66 -8.70 14.86
C ARG A 42 21.86 -9.96 14.49
N GLN A 43 20.82 -9.82 13.67
CA GLN A 43 20.00 -10.97 13.29
C GLN A 43 20.78 -11.98 12.47
N CYS A 44 21.74 -11.49 11.66
CA CYS A 44 22.57 -12.36 10.79
C CYS A 44 23.86 -12.76 11.37
N GLY A 45 24.19 -12.24 12.55
CA GLY A 45 25.49 -12.50 13.14
C GLY A 45 26.61 -11.82 12.37
N LEU A 46 26.31 -10.66 11.77
CA LEU A 46 27.30 -9.86 11.03
C LEU A 46 27.61 -8.58 11.75
N ASP A 47 28.79 -8.06 11.53
CA ASP A 47 29.21 -6.75 12.04
C ASP A 47 28.32 -5.61 11.50
N ARG A 48 27.81 -4.73 12.37
CA ARG A 48 26.94 -3.62 11.95
C ARG A 48 27.60 -2.65 10.97
N THR A 49 28.89 -2.36 11.18
CA THR A 49 29.64 -1.61 10.20
C THR A 49 29.57 -2.30 8.80
N TYR A 50 29.72 -3.61 8.73
CA TYR A 50 29.73 -4.34 7.43
C TYR A 50 28.37 -4.24 6.72
N VAL A 51 27.30 -4.42 7.48
CA VAL A 51 25.94 -4.32 6.96
C VAL A 51 25.66 -2.91 6.47
N SER A 52 26.02 -1.91 7.26
CA SER A 52 25.85 -0.56 6.84
C SER A 52 26.63 -0.28 5.51
N ALA A 53 27.81 -0.85 5.38
CA ALA A 53 28.62 -0.60 4.17
C ALA A 53 28.07 -1.34 2.92
N VAL A 54 27.50 -2.52 3.18
CA VAL A 54 26.77 -3.28 2.10
C VAL A 54 25.63 -2.44 1.56
N GLU A 55 24.90 -1.76 2.45
CA GLU A 55 23.85 -0.88 1.97
C GLU A 55 24.32 0.35 1.22
N ARG A 56 25.61 0.65 1.32
CA ARG A 56 26.24 1.74 0.57
C ARG A 56 27.03 1.14 -0.59
N LYS A 57 26.81 -0.17 -0.84
CA LYS A 57 27.37 -0.87 -1.99
C LYS A 57 28.89 -1.04 -1.94
N ARG A 58 29.45 -1.16 -0.76
CA ARG A 58 30.91 -1.15 -0.60
C ARG A 58 31.59 -2.54 -0.69
N TRP A 59 30.79 -3.63 -0.61
CA TRP A 59 31.39 -4.94 -0.44
C TRP A 59 30.92 -5.98 -1.45
N ASN A 60 31.89 -6.73 -1.95
CA ASN A 60 31.64 -7.86 -2.85
C ASN A 60 31.12 -9.07 -2.05
N ILE A 61 29.91 -8.93 -1.52
CA ILE A 61 29.38 -9.87 -0.51
C ILE A 61 29.34 -11.33 -1.03
N ALA A 62 29.61 -12.27 -0.12
CA ALA A 62 29.65 -13.67 -0.48
C ALA A 62 28.25 -14.24 -0.40
N LEU A 63 28.06 -15.31 -1.15
CA LEU A 63 26.78 -16.03 -1.12
C LEU A 63 26.27 -16.40 0.29
N SER A 64 27.19 -16.81 1.18
CA SER A 64 26.78 -17.22 2.54
C SER A 64 26.13 -16.09 3.31
N ASN A 65 26.61 -14.87 3.06
CA ASN A 65 26.04 -13.74 3.76
C ASN A 65 24.74 -13.27 3.15
N ILE A 66 24.61 -13.37 1.84
CA ILE A 66 23.29 -13.24 1.19
C ILE A 66 22.27 -14.21 1.82
N GLU A 67 22.68 -15.46 2.03
CA GLU A 67 21.82 -16.50 2.50
C GLU A 67 21.40 -16.13 3.92
N LYS A 68 22.34 -15.64 4.74
CA LYS A 68 21.99 -15.32 6.14
C LYS A 68 21.02 -14.13 6.21
N MET A 69 21.25 -13.10 5.39
CA MET A 69 20.31 -11.94 5.45
C MET A 69 18.93 -12.37 5.00
N ALA A 70 18.88 -13.17 3.96
CA ALA A 70 17.60 -13.68 3.43
C ALA A 70 16.87 -14.55 4.48
N ALA A 71 17.59 -15.44 5.15
CA ALA A 71 16.99 -16.20 6.25
C ALA A 71 16.48 -15.27 7.39
N ALA A 72 17.27 -14.27 7.80
CA ALA A 72 16.81 -13.38 8.87
C ALA A 72 15.59 -12.56 8.42
N LEU A 73 15.59 -12.09 7.18
CA LEU A 73 14.47 -11.31 6.64
C LEU A 73 13.24 -12.13 6.27
N GLY A 74 13.34 -13.44 6.34
CA GLY A 74 12.27 -14.35 5.92
C GLY A 74 11.89 -14.31 4.45
N VAL A 75 12.87 -14.11 3.57
CA VAL A 75 12.62 -14.12 2.14
C VAL A 75 13.54 -15.15 1.50
N ALA A 76 13.13 -15.64 0.32
CA ALA A 76 14.03 -16.41 -0.56
C ALA A 76 15.25 -15.55 -0.97
N ALA A 77 16.44 -16.14 -0.93
CA ALA A 77 17.66 -15.43 -1.34
C ALA A 77 17.52 -14.71 -2.66
N TYR A 78 16.85 -15.35 -3.65
CA TYR A 78 16.80 -14.70 -4.95
C TYR A 78 16.02 -13.35 -4.93
N GLN A 79 15.13 -13.19 -3.97
CA GLN A 79 14.35 -11.92 -3.83
C GLN A 79 15.30 -10.79 -3.47
N LEU A 80 16.44 -11.07 -2.83
CA LEU A 80 17.43 -9.95 -2.55
C LEU A 80 18.11 -9.40 -3.81
N LEU A 81 18.17 -10.21 -4.87
CA LEU A 81 18.75 -9.81 -6.16
C LEU A 81 17.72 -9.46 -7.23
N LEU A 82 16.45 -9.54 -6.86
CA LEU A 82 15.38 -9.24 -7.82
C LEU A 82 15.14 -7.74 -7.78
N PRO A 83 15.33 -7.09 -8.90
CA PRO A 83 15.11 -5.65 -8.87
C PRO A 83 13.67 -5.28 -8.49
N PRO A 84 13.52 -4.25 -7.65
CA PRO A 84 12.22 -3.81 -7.16
C PRO A 84 11.28 -3.41 -8.30
N GLN A 85 11.83 -2.89 -9.39
CA GLN A 85 11.03 -2.61 -10.61
C GLN A 85 10.39 -3.85 -11.18
N GLU A 86 11.16 -4.94 -11.20
CA GLU A 86 10.65 -6.19 -11.70
C GLU A 86 9.63 -6.74 -10.72
N ARG A 87 9.96 -6.75 -9.44
CA ARG A 87 9.04 -7.26 -8.43
C ARG A 87 7.68 -6.56 -8.56
N LEU A 88 7.71 -5.24 -8.65
CA LEU A 88 6.48 -4.45 -8.76
C LEU A 88 5.78 -4.79 -10.06
N LYS A 89 6.54 -4.92 -11.14
CA LYS A 89 5.98 -5.28 -12.43
C LYS A 89 5.22 -6.61 -12.34
N LEU A 90 5.85 -7.64 -11.76
CA LEU A 90 5.21 -8.94 -11.52
C LEU A 90 3.97 -8.82 -10.61
N MET A 91 4.14 -8.13 -9.47
CA MET A 91 3.15 -7.98 -8.36
C MET A 91 1.86 -7.25 -8.72
N THR A 92 1.93 -6.34 -9.69
CA THR A 92 0.85 -5.40 -9.93
C THR A 92 0.60 -5.20 -11.43
N ASN A 93 1.35 -5.92 -12.26
CA ASN A 93 1.20 -5.85 -13.73
C ASN A 93 1.70 -7.11 -14.48
N LYS B 5 17.25 9.19 -9.52
CA LYS B 5 16.52 10.32 -10.16
C LYS B 5 15.38 10.83 -9.27
N LEU B 6 14.14 10.52 -9.68
CA LEU B 6 12.94 10.82 -8.88
C LEU B 6 12.96 10.15 -7.50
N THR B 7 12.36 10.81 -6.51
CA THR B 7 12.44 10.41 -5.10
C THR B 7 11.26 9.55 -4.61
N LEU B 8 11.59 8.41 -3.99
CA LEU B 8 10.62 7.43 -3.49
C LEU B 8 10.15 7.79 -2.10
N PRO B 9 9.04 7.18 -1.63
CA PRO B 9 8.62 7.57 -0.31
C PRO B 9 9.68 7.28 0.71
N ALA B 10 9.77 8.13 1.71
CA ALA B 10 10.83 8.03 2.68
C ALA B 10 10.52 7.05 3.79
N GLU B 11 9.26 6.91 4.23
CA GLU B 11 8.93 5.98 5.31
C GLU B 11 7.78 5.08 4.88
N LEU B 12 7.65 3.94 5.55
CA LEU B 12 6.47 3.08 5.39
C LEU B 12 5.28 3.72 6.07
N PRO B 13 4.12 3.69 5.39
CA PRO B 13 2.96 4.29 6.01
C PRO B 13 2.42 3.43 7.16
N ASP B 14 1.88 4.11 8.16
CA ASP B 14 1.08 3.47 9.21
C ASP B 14 -0.15 2.85 8.49
N GLU B 15 -0.40 1.55 8.64
CA GLU B 15 -1.50 0.91 7.90
C GLU B 15 -2.86 1.42 8.32
N GLN B 16 -2.93 1.96 9.53
CA GLN B 16 -4.15 2.54 10.06
C GLN B 16 -4.44 3.93 9.51
N ASP B 17 -3.53 4.49 8.71
CA ASP B 17 -3.68 5.85 8.13
C ASP B 17 -3.81 5.71 6.62
N LEU B 18 -5.04 5.83 6.15
CA LEU B 18 -5.33 5.56 4.78
C LEU B 18 -4.81 6.63 3.86
N ARG B 19 -4.82 7.89 4.30
CA ARG B 19 -4.19 8.94 3.46
C ARG B 19 -2.69 8.66 3.21
N ALA B 20 -1.99 8.17 4.22
CA ALA B 20 -0.55 7.89 4.07
C ALA B 20 -0.32 6.68 3.11
N VAL B 21 -1.17 5.64 3.24
CA VAL B 21 -1.09 4.47 2.34
C VAL B 21 -1.23 4.92 0.92
N LEU B 22 -2.22 5.76 0.67
CA LEU B 22 -2.45 6.25 -0.68
C LEU B 22 -1.24 7.05 -1.13
N ALA B 23 -0.74 7.91 -0.26
CA ALA B 23 0.36 8.81 -0.67
C ALA B 23 1.64 8.00 -1.02
N TYR B 24 1.86 6.93 -0.26
CA TYR B 24 3.03 6.00 -0.51
C TYR B 24 2.90 5.34 -1.88
N ASN B 25 1.75 4.69 -2.09
CA ASN B 25 1.52 3.99 -3.35
C ASN B 25 1.55 4.90 -4.55
N MET B 26 0.92 6.07 -4.40
CA MET B 26 0.98 7.05 -5.50
C MET B 26 2.45 7.35 -5.97
N ARG B 27 3.28 7.67 -5.00
CA ARG B 27 4.66 8.06 -5.27
C ARG B 27 5.44 6.88 -5.76
N LEU B 28 5.22 5.73 -5.12
CA LEU B 28 5.88 4.49 -5.61
C LEU B 28 5.59 4.18 -7.06
N PHE B 29 4.30 4.13 -7.45
CA PHE B 29 3.99 3.75 -8.82
C PHE B 29 4.38 4.85 -9.81
N ARG B 30 4.25 6.08 -9.36
CA ARG B 30 4.62 7.23 -10.22
C ARG B 30 6.12 7.19 -10.60
N VAL B 31 6.95 7.07 -9.58
CA VAL B 31 8.41 6.97 -9.77
C VAL B 31 8.79 5.77 -10.63
N ASN B 32 8.18 4.61 -10.36
CA ASN B 32 8.32 3.44 -11.23
C ASN B 32 8.00 3.62 -12.71
N LYS B 33 7.08 4.53 -13.04
CA LYS B 33 6.80 4.89 -14.42
C LYS B 33 7.70 6.03 -14.97
N GLY B 34 8.57 6.57 -14.11
CA GLY B 34 9.39 7.71 -14.48
C GLY B 34 8.65 9.03 -14.55
N TRP B 35 7.59 9.17 -13.75
CA TRP B 35 6.78 10.40 -13.79
C TRP B 35 6.92 11.32 -12.61
N SER B 36 7.04 12.61 -12.92
CA SER B 36 6.97 13.66 -11.93
C SER B 36 5.52 13.82 -11.48
N GLN B 37 5.34 14.51 -10.35
CA GLN B 37 4.02 14.87 -9.83
C GLN B 37 3.18 15.60 -10.85
N GLU B 38 3.80 16.53 -11.59
CA GLU B 38 3.11 17.36 -12.59
C GLU B 38 2.69 16.49 -13.75
N GLU B 39 3.57 15.57 -14.14
CA GLU B 39 3.30 14.63 -15.22
C GLU B 39 2.19 13.63 -14.90
N LEU B 40 2.03 13.27 -13.62
CA LEU B 40 0.93 12.37 -13.23
C LEU B 40 -0.39 13.16 -13.30
N ALA B 41 -0.37 14.39 -12.76
CA ALA B 41 -1.51 15.30 -12.77
C ALA B 41 -1.98 15.60 -14.21
N ARG B 42 -1.03 15.82 -15.11
CA ARG B 42 -1.35 15.99 -16.51
C ARG B 42 -1.99 14.71 -17.07
N GLN B 43 -1.35 13.55 -16.87
CA GLN B 43 -1.87 12.26 -17.36
C GLN B 43 -3.28 11.91 -16.84
N CYS B 44 -3.68 12.57 -15.76
CA CYS B 44 -4.97 12.38 -15.09
C CYS B 44 -6.04 13.43 -15.42
N GLY B 45 -5.62 14.55 -15.99
CA GLY B 45 -6.50 15.71 -16.16
C GLY B 45 -6.78 16.48 -14.88
N LEU B 46 -5.94 16.32 -13.86
CA LEU B 46 -6.16 17.02 -12.60
C LEU B 46 -5.27 18.27 -12.45
N ASP B 47 -5.67 19.20 -11.56
CA ASP B 47 -4.88 20.43 -11.30
C ASP B 47 -3.44 20.04 -10.94
N ARG B 48 -2.50 20.86 -11.42
CA ARG B 48 -1.08 20.58 -11.30
C ARG B 48 -0.71 20.26 -9.85
N THR B 49 -1.33 20.99 -8.92
CA THR B 49 -1.03 20.92 -7.49
C THR B 49 -1.89 19.86 -6.76
N TYR B 50 -2.77 19.17 -7.51
CA TYR B 50 -3.67 18.19 -6.91
C TYR B 50 -2.90 16.93 -6.45
N VAL B 51 -2.09 16.34 -7.32
CA VAL B 51 -1.22 15.24 -6.91
C VAL B 51 -0.38 15.64 -5.71
N SER B 52 0.19 16.84 -5.73
CA SER B 52 1.07 17.31 -4.67
C SER B 52 0.42 17.26 -3.30
N ALA B 53 -0.79 17.80 -3.24
CA ALA B 53 -1.55 17.82 -1.99
C ALA B 53 -1.91 16.39 -1.53
N VAL B 54 -2.28 15.52 -2.47
CA VAL B 54 -2.60 14.10 -2.12
C VAL B 54 -1.33 13.35 -1.63
N GLU B 55 -0.25 13.45 -2.41
CA GLU B 55 1.04 12.81 -2.02
C GLU B 55 1.63 13.31 -0.72
N ARG B 56 1.13 14.44 -0.24
CA ARG B 56 1.59 15.00 1.01
C ARG B 56 0.54 14.81 2.07
N LYS B 57 -0.51 14.05 1.72
CA LYS B 57 -1.67 13.72 2.58
C LYS B 57 -2.54 14.92 2.99
N ARG B 58 -2.54 15.95 2.15
CA ARG B 58 -3.20 17.21 2.42
C ARG B 58 -4.47 17.30 1.58
N TRP B 59 -5.09 16.16 1.31
CA TRP B 59 -6.34 16.21 0.57
C TRP B 59 -7.34 15.09 0.87
N ASN B 60 -8.60 15.48 1.05
CA ASN B 60 -9.65 14.50 1.36
C ASN B 60 -10.24 14.02 0.03
N ILE B 61 -9.42 13.23 -0.66
CA ILE B 61 -9.74 12.75 -2.01
C ILE B 61 -10.88 11.71 -1.97
N ALA B 62 -11.64 11.63 -3.04
CA ALA B 62 -12.77 10.71 -3.11
C ALA B 62 -12.45 9.59 -4.09
N LEU B 63 -13.31 8.57 -4.13
CA LEU B 63 -13.04 7.38 -4.95
C LEU B 63 -12.83 7.60 -6.44
N SER B 64 -13.61 8.49 -7.07
CA SER B 64 -13.46 8.67 -8.54
C SER B 64 -12.03 9.06 -8.94
N ASN B 65 -11.45 10.04 -8.27
CA ASN B 65 -10.06 10.48 -8.55
C ASN B 65 -8.99 9.41 -8.22
N ILE B 66 -9.26 8.61 -7.19
CA ILE B 66 -8.34 7.49 -6.86
C ILE B 66 -8.34 6.55 -8.10
N GLU B 67 -9.55 6.21 -8.64
CA GLU B 67 -9.66 5.38 -9.82
C GLU B 67 -9.03 5.97 -11.06
N LYS B 68 -9.21 7.27 -11.26
CA LYS B 68 -8.56 7.95 -12.39
C LYS B 68 -7.05 7.86 -12.26
N MET B 69 -6.53 8.14 -11.07
CA MET B 69 -5.08 8.07 -10.86
C MET B 69 -4.51 6.67 -11.08
N ALA B 70 -5.22 5.65 -10.60
CA ALA B 70 -4.80 4.26 -10.75
C ALA B 70 -4.76 3.90 -12.21
N ALA B 71 -5.82 4.24 -12.94
CA ALA B 71 -5.88 3.90 -14.36
C ALA B 71 -4.74 4.58 -15.13
N ALA B 72 -4.45 5.84 -14.83
CA ALA B 72 -3.32 6.53 -15.50
C ALA B 72 -1.97 5.85 -15.19
N LEU B 73 -1.84 5.41 -13.95
CA LEU B 73 -0.62 4.72 -13.50
C LEU B 73 -0.54 3.30 -14.01
N GLY B 74 -1.65 2.80 -14.57
CA GLY B 74 -1.74 1.45 -15.13
C GLY B 74 -1.70 0.37 -14.06
N VAL B 75 -2.24 0.67 -12.89
CA VAL B 75 -2.41 -0.35 -11.84
C VAL B 75 -3.93 -0.46 -11.52
N ALA B 76 -4.30 -1.58 -10.90
CA ALA B 76 -5.68 -1.79 -10.46
C ALA B 76 -6.02 -0.76 -9.38
N ALA B 77 -7.25 -0.24 -9.42
CA ALA B 77 -7.73 0.70 -8.41
C ALA B 77 -7.35 0.32 -6.98
N TYR B 78 -7.55 -0.93 -6.60
CA TYR B 78 -7.37 -1.23 -5.18
C TYR B 78 -5.89 -1.16 -4.82
N GLN B 79 -5.01 -1.27 -5.81
CA GLN B 79 -3.56 -1.23 -5.52
C GLN B 79 -3.11 0.10 -4.89
N LEU B 80 -3.77 1.24 -5.21
CA LEU B 80 -3.38 2.52 -4.58
C LEU B 80 -3.74 2.51 -3.11
N LEU B 81 -4.66 1.63 -2.73
CA LEU B 81 -5.07 1.60 -1.32
C LEU B 81 -4.57 0.40 -0.54
N LEU B 82 -3.73 -0.41 -1.15
CA LEU B 82 -3.23 -1.64 -0.49
C LEU B 82 -1.94 -1.28 0.29
N PRO B 83 -1.90 -1.47 1.61
CA PRO B 83 -0.67 -1.08 2.32
C PRO B 83 0.51 -1.89 1.73
N PRO B 84 1.66 -1.24 1.55
CA PRO B 84 2.87 -1.90 1.06
C PRO B 84 3.29 -3.14 1.88
N GLN B 85 3.03 -3.12 3.18
CA GLN B 85 3.30 -4.26 4.04
C GLN B 85 2.43 -5.49 3.66
N GLU B 86 1.20 -5.25 3.20
CA GLU B 86 0.33 -6.35 2.71
C GLU B 86 0.77 -6.83 1.32
N ARG B 87 1.04 -5.89 0.43
CA ARG B 87 1.59 -6.26 -0.89
C ARG B 87 2.84 -7.15 -0.71
N LEU B 88 3.69 -6.80 0.24
CA LEU B 88 4.94 -7.57 0.45
C LEU B 88 4.71 -8.99 0.93
N LYS B 89 3.64 -9.22 1.69
CA LYS B 89 3.29 -10.58 2.13
C LYS B 89 2.95 -11.44 0.90
N LEU B 90 2.43 -10.80 -0.15
CA LEU B 90 1.99 -11.52 -1.34
C LEU B 90 3.18 -11.94 -2.17
N MET B 91 4.37 -11.89 -1.57
CA MET B 91 5.53 -12.59 -2.14
C MET B 91 5.94 -13.72 -1.18
N LYS C 5 -32.33 -13.06 9.83
CA LYS C 5 -32.55 -11.59 9.74
C LYS C 5 -31.54 -10.85 8.80
N LEU C 6 -30.31 -10.65 9.26
CA LEU C 6 -29.34 -9.85 8.48
C LEU C 6 -28.65 -10.72 7.45
N THR C 7 -28.56 -10.23 6.22
CA THR C 7 -27.97 -11.02 5.16
C THR C 7 -26.71 -10.34 4.57
N LEU C 8 -25.82 -11.22 4.11
CA LEU C 8 -24.52 -10.87 3.55
C LEU C 8 -24.67 -10.40 2.11
N PRO C 9 -23.67 -9.69 1.54
CA PRO C 9 -23.75 -9.37 0.09
C PRO C 9 -23.72 -10.62 -0.78
N ALA C 10 -24.54 -10.68 -1.82
CA ALA C 10 -24.77 -11.89 -2.55
C ALA C 10 -23.76 -12.11 -3.66
N GLU C 11 -23.09 -11.05 -4.09
CA GLU C 11 -22.19 -11.20 -5.24
C GLU C 11 -20.84 -10.60 -4.89
N LEU C 12 -19.76 -11.20 -5.37
CA LEU C 12 -18.43 -10.55 -5.27
C LEU C 12 -18.41 -9.29 -6.16
N PRO C 13 -17.79 -8.19 -5.66
CA PRO C 13 -17.86 -6.93 -6.44
C PRO C 13 -16.81 -6.91 -7.57
N ASP C 14 -17.11 -6.12 -8.58
CA ASP C 14 -16.11 -5.73 -9.56
C ASP C 14 -14.97 -5.00 -8.82
N GLU C 15 -13.76 -5.57 -8.86
CA GLU C 15 -12.67 -5.02 -8.07
C GLU C 15 -12.28 -3.63 -8.52
N GLN C 16 -12.54 -3.29 -9.80
CA GLN C 16 -12.23 -1.95 -10.31
C GLN C 16 -13.30 -0.89 -9.95
N ASP C 17 -14.39 -1.33 -9.36
CA ASP C 17 -15.44 -0.38 -8.98
C ASP C 17 -15.28 -0.20 -7.48
N LEU C 18 -14.54 0.84 -7.08
CA LEU C 18 -14.29 0.98 -5.64
C LEU C 18 -15.56 1.25 -4.83
N ARG C 19 -16.60 1.90 -5.43
CA ARG C 19 -17.88 1.99 -4.69
C ARG C 19 -18.48 0.60 -4.35
N ALA C 20 -18.38 -0.32 -5.29
CA ALA C 20 -18.96 -1.67 -5.15
C ALA C 20 -18.12 -2.42 -4.10
N VAL C 21 -16.81 -2.17 -4.10
CA VAL C 21 -15.91 -2.83 -3.09
C VAL C 21 -16.28 -2.31 -1.70
N LEU C 22 -16.39 -1.00 -1.55
CA LEU C 22 -16.82 -0.41 -0.30
C LEU C 22 -18.18 -0.92 0.17
N ALA C 23 -19.17 -0.89 -0.71
CA ALA C 23 -20.51 -1.38 -0.35
C ALA C 23 -20.48 -2.86 0.14
N TYR C 24 -19.74 -3.73 -0.54
CA TYR C 24 -19.59 -5.12 -0.11
C TYR C 24 -18.99 -5.22 1.32
N ASN C 25 -17.85 -4.56 1.56
CA ASN C 25 -17.20 -4.58 2.86
C ASN C 25 -18.01 -3.95 4.00
N MET C 26 -18.68 -2.83 3.73
CA MET C 26 -19.57 -2.25 4.73
C MET C 26 -20.56 -3.29 5.22
N ARG C 27 -21.18 -3.95 4.27
CA ARG C 27 -22.20 -4.91 4.56
C ARG C 27 -21.62 -6.13 5.28
N LEU C 28 -20.52 -6.66 4.76
CA LEU C 28 -19.85 -7.80 5.36
C LEU C 28 -19.51 -7.51 6.84
N PHE C 29 -18.88 -6.38 7.09
CA PHE C 29 -18.44 -6.09 8.43
C PHE C 29 -19.58 -5.70 9.35
N ARG C 30 -20.59 -4.99 8.84
CA ARG C 30 -21.66 -4.62 9.76
C ARG C 30 -22.48 -5.85 10.16
N VAL C 31 -22.66 -6.77 9.23
CA VAL C 31 -23.49 -7.96 9.47
C VAL C 31 -22.77 -8.84 10.50
N ASN C 32 -21.45 -8.91 10.40
CA ASN C 32 -20.65 -9.56 11.43
C ASN C 32 -20.79 -8.97 12.85
N LYS C 33 -21.05 -7.67 12.95
CA LYS C 33 -21.33 -7.01 14.25
C LYS C 33 -22.78 -7.09 14.72
N GLY C 34 -23.63 -7.58 13.82
CA GLY C 34 -25.06 -7.70 14.03
C GLY C 34 -25.76 -6.38 13.80
N TRP C 35 -25.15 -5.51 12.98
CA TRP C 35 -25.67 -4.17 12.73
C TRP C 35 -26.41 -4.00 11.42
N SER C 36 -27.59 -3.39 11.54
CA SER C 36 -28.32 -2.91 10.39
C SER C 36 -27.62 -1.64 9.87
N GLN C 37 -27.95 -1.26 8.64
CA GLN C 37 -27.57 0.06 8.08
C GLN C 37 -27.86 1.20 9.06
N GLU C 38 -29.05 1.15 9.64
CA GLU C 38 -29.44 2.16 10.63
C GLU C 38 -28.46 2.21 11.80
N GLU C 39 -28.12 1.04 12.34
CA GLU C 39 -27.23 0.95 13.49
C GLU C 39 -25.81 1.43 13.12
N LEU C 40 -25.35 1.04 11.93
CA LEU C 40 -24.04 1.47 11.51
C LEU C 40 -23.99 3.01 11.45
N ALA C 41 -25.06 3.60 10.86
CA ALA C 41 -25.19 5.06 10.76
C ALA C 41 -25.08 5.73 12.13
N ARG C 42 -25.83 5.25 13.11
CA ARG C 42 -25.68 5.78 14.47
C ARG C 42 -24.27 5.58 15.04
N GLN C 43 -23.65 4.43 14.75
CA GLN C 43 -22.38 4.11 15.37
C GLN C 43 -21.28 5.00 14.81
N CYS C 44 -21.46 5.48 13.59
CA CYS C 44 -20.44 6.29 12.98
C CYS C 44 -20.86 7.73 12.80
N GLY C 45 -22.06 8.08 13.29
CA GLY C 45 -22.50 9.48 13.26
C GLY C 45 -22.76 9.99 11.86
N LEU C 46 -23.13 9.10 10.95
CA LEU C 46 -23.58 9.51 9.62
C LEU C 46 -25.10 9.26 9.52
N ASP C 47 -25.79 9.99 8.66
CA ASP C 47 -27.24 9.78 8.43
C ASP C 47 -27.53 8.43 7.84
N ARG C 48 -28.59 7.81 8.29
CA ARG C 48 -28.93 6.48 7.82
C ARG C 48 -29.25 6.41 6.34
N THR C 49 -29.89 7.45 5.81
CA THR C 49 -30.23 7.44 4.41
C THR C 49 -28.93 7.52 3.58
N TYR C 50 -27.94 8.26 4.09
CA TYR C 50 -26.63 8.33 3.44
C TYR C 50 -25.89 6.97 3.42
N VAL C 51 -25.92 6.25 4.54
CA VAL C 51 -25.26 4.95 4.63
C VAL C 51 -25.96 3.97 3.71
N SER C 52 -27.29 4.04 3.66
CA SER C 52 -28.06 3.20 2.77
C SER C 52 -27.70 3.48 1.31
N ALA C 53 -27.57 4.75 0.95
CA ALA C 53 -27.25 5.11 -0.45
C ALA C 53 -25.80 4.69 -0.82
N VAL C 54 -24.87 4.83 0.12
CA VAL C 54 -23.47 4.33 -0.07
C VAL C 54 -23.46 2.85 -0.32
N GLU C 55 -24.24 2.09 0.44
CA GLU C 55 -24.37 0.66 0.10
C GLU C 55 -24.96 0.41 -1.26
N ARG C 56 -25.71 1.38 -1.79
CA ARG C 56 -26.22 1.23 -3.15
C ARG C 56 -25.33 1.91 -4.18
N LYS C 57 -24.10 2.26 -3.77
CA LYS C 57 -23.08 2.84 -4.67
C LYS C 57 -23.47 4.23 -5.26
N ARG C 58 -24.22 5.01 -4.50
CA ARG C 58 -24.74 6.31 -4.99
C ARG C 58 -23.81 7.50 -4.84
N TRP C 59 -22.78 7.36 -3.99
CA TRP C 59 -21.97 8.51 -3.63
C TRP C 59 -20.50 8.34 -3.93
N ASN C 60 -19.91 9.38 -4.55
CA ASN C 60 -18.46 9.54 -4.67
C ASN C 60 -17.82 9.92 -3.31
N ILE C 61 -17.84 8.98 -2.37
CA ILE C 61 -17.48 9.19 -1.00
C ILE C 61 -15.99 9.43 -0.84
N ALA C 62 -15.66 10.30 0.10
CA ALA C 62 -14.26 10.67 0.37
C ALA C 62 -13.70 9.90 1.53
N LEU C 63 -12.37 9.85 1.56
CA LEU C 63 -11.63 9.05 2.60
C LEU C 63 -12.12 9.35 4.01
N SER C 64 -12.39 10.63 4.26
CA SER C 64 -12.93 11.05 5.55
C SER C 64 -14.12 10.22 6.07
N ASN C 65 -15.13 10.03 5.20
CA ASN C 65 -16.30 9.30 5.65
C ASN C 65 -16.06 7.78 5.75
N ILE C 66 -15.22 7.26 4.87
CA ILE C 66 -14.75 5.85 4.92
C ILE C 66 -14.05 5.60 6.27
N GLU C 67 -13.18 6.55 6.68
CA GLU C 67 -12.52 6.41 8.00
C GLU C 67 -13.47 6.43 9.18
N LYS C 68 -14.52 7.28 9.13
CA LYS C 68 -15.55 7.26 10.17
C LYS C 68 -16.21 5.89 10.20
N MET C 69 -16.53 5.30 9.05
CA MET C 69 -17.21 3.98 9.08
C MET C 69 -16.27 2.87 9.60
N ALA C 70 -15.01 2.88 9.17
CA ALA C 70 -14.02 1.90 9.63
C ALA C 70 -13.80 1.95 11.16
N ALA C 71 -13.67 3.15 11.72
CA ALA C 71 -13.52 3.32 13.19
C ALA C 71 -14.71 2.75 13.95
N ALA C 72 -15.89 3.04 13.46
CA ALA C 72 -17.10 2.47 14.06
C ALA C 72 -17.15 0.94 13.94
N LEU C 73 -16.73 0.40 12.79
CA LEU C 73 -16.69 -1.05 12.57
C LEU C 73 -15.50 -1.74 13.24
N GLY C 74 -14.55 -0.97 13.73
CA GLY C 74 -13.40 -1.57 14.43
C GLY C 74 -12.40 -2.21 13.48
N VAL C 75 -12.31 -1.67 12.27
CA VAL C 75 -11.39 -2.18 11.24
C VAL C 75 -10.53 -1.03 10.72
N ALA C 76 -9.31 -1.35 10.30
CA ALA C 76 -8.44 -0.33 9.72
C ALA C 76 -9.14 0.14 8.45
N ALA C 77 -9.06 1.45 8.16
CA ALA C 77 -9.78 2.02 7.04
C ALA C 77 -9.47 1.33 5.72
N TYR C 78 -8.20 0.88 5.52
CA TYR C 78 -7.88 0.21 4.23
C TYR C 78 -8.73 -1.06 3.94
N GLN C 79 -9.22 -1.72 4.99
CA GLN C 79 -10.02 -2.95 4.82
C GLN C 79 -11.36 -2.66 4.14
N LEU C 80 -11.90 -1.46 4.33
CA LEU C 80 -13.15 -1.09 3.63
C LEU C 80 -13.00 -1.03 2.12
N LEU C 81 -11.77 -0.77 1.65
CA LEU C 81 -11.47 -0.68 0.19
C LEU C 81 -10.66 -1.84 -0.36
N LEU C 82 -10.42 -2.83 0.49
CA LEU C 82 -9.73 -4.04 0.05
C LEU C 82 -10.76 -5.04 -0.56
N PRO C 83 -10.59 -5.40 -1.84
CA PRO C 83 -11.61 -6.26 -2.40
C PRO C 83 -11.59 -7.62 -1.67
N PRO C 84 -12.79 -8.23 -1.52
CA PRO C 84 -12.83 -9.52 -0.77
C PRO C 84 -12.03 -10.60 -1.47
N GLN C 85 -11.88 -10.53 -2.80
CA GLN C 85 -11.01 -11.47 -3.48
C GLN C 85 -9.54 -11.32 -3.01
N GLU C 86 -9.10 -10.09 -2.77
CA GLU C 86 -7.74 -9.84 -2.31
C GLU C 86 -7.56 -10.19 -0.83
N ARG C 87 -8.57 -9.87 -0.04
CA ARG C 87 -8.55 -10.29 1.36
C ARG C 87 -8.35 -11.82 1.50
N LEU C 88 -9.04 -12.57 0.64
CA LEU C 88 -8.87 -14.02 0.69
C LEU C 88 -7.49 -14.49 0.23
N LYS C 89 -6.94 -13.85 -0.80
CA LYS C 89 -5.58 -14.14 -1.25
C LYS C 89 -4.57 -13.89 -0.15
N LEU C 90 -4.83 -12.86 0.66
CA LEU C 90 -3.99 -12.54 1.81
C LEU C 90 -4.13 -13.54 2.98
N MET C 91 -5.30 -14.13 3.16
CA MET C 91 -5.44 -15.20 4.16
C MET C 91 -4.63 -16.42 3.67
N THR C 92 -5.12 -17.04 2.59
CA THR C 92 -4.38 -18.10 1.88
C THR C 92 -2.92 -17.75 1.62
#